data_8F91
#
_entry.id   8F91
#
_cell.length_a   179.050
_cell.length_b   179.050
_cell.length_c   179.050
_cell.angle_alpha   90.000
_cell.angle_beta   90.000
_cell.angle_gamma   90.000
#
_symmetry.space_group_name_H-M   'I 4 3 2'
#
loop_
_entity.id
_entity.type
_entity.pdbx_description
1 polymer OxyB
2 non-polymer 'PROTOPORPHYRIN IX CONTAINING FE'
3 water water
#
_entity_poly.entity_id   1
_entity_poly.type   'polypeptide(L)'
_entity_poly.pdbx_seq_one_letter_code
;MGSSHHHHHHSSGLVPRGSHMMSGDDSRPVHIRREGLDPAAELLAAGALTEVTVGSGADAVTTWMATTHAVVRQVMGDHT
RFSTRRRWDRRDEIGGEGIFRPRELVGNLMDYDPPEHTRLRQKLTPGFTLRKMQRLQPYIEQIVSERLDAMEQAGSPADL
IELVANEVPGAVLCELIGVPRDDRSMFMQL(SMC)HAHLDPARSQKRRAAAGEAFSRYLLAMIARERKEPGEGLIGAVVA
EYGDEATDEELRGFCVQVMLAGDDNISGMIGLGVLALLKHPDQIEAFRGDEQSAQRAVDELIRYLTVPYAPTPRIAKEDV
TIGDQVVKKGESVICSLPAANRDPALVPDPERLDVTRESVSHVAFGHGVHHCLGAALARLELRTFYTMLWRRFPTLALAD
PGQENNFRLTTPAYGLTSLMVEW
;
_entity_poly.pdbx_strand_id   A
#
loop_
_chem_comp.id
_chem_comp.type
_chem_comp.name
_chem_comp.formula
HEM non-polymer 'PROTOPORPHYRIN IX CONTAINING FE' 'C34 H32 Fe N4 O4'
#
# COMPACT_ATOMS: atom_id res chain seq x y z
N ARG A 28 -9.00 19.03 8.65
CA ARG A 28 -8.03 17.92 8.49
C ARG A 28 -6.62 18.47 8.67
N PRO A 29 -5.66 17.70 9.21
CA PRO A 29 -4.27 18.15 9.29
C PRO A 29 -3.64 18.29 7.91
N VAL A 30 -2.57 19.08 7.80
CA VAL A 30 -1.96 19.36 6.47
C VAL A 30 -1.49 18.07 5.79
N HIS A 31 -0.88 17.16 6.55
CA HIS A 31 -0.31 15.93 5.93
C HIS A 31 -1.43 15.02 5.42
N ILE A 32 -2.62 15.17 5.99
CA ILE A 32 -3.76 14.29 5.59
C ILE A 32 -4.58 15.03 4.53
N ARG A 33 -4.37 16.34 4.42
CA ARG A 33 -5.19 17.12 3.46
C ARG A 33 -4.78 16.75 2.05
N ARG A 34 -5.76 16.53 1.18
CA ARG A 34 -5.47 16.26 -0.26
C ARG A 34 -6.43 17.10 -1.08
N GLU A 35 -5.91 17.86 -2.04
CA GLU A 35 -6.75 18.71 -2.91
C GLU A 35 -7.04 17.93 -4.19
N GLY A 36 -8.03 17.04 -4.14
CA GLY A 36 -8.34 16.19 -5.30
C GLY A 36 -7.36 15.06 -5.40
N LEU A 37 -6.92 14.73 -6.60
CA LEU A 37 -5.88 13.72 -6.75
C LEU A 37 -4.51 14.19 -6.25
N ASP A 38 -4.40 15.45 -5.83
CA ASP A 38 -3.06 16.00 -5.46
C ASP A 38 -3.00 16.21 -3.94
N PRO A 39 -1.81 16.29 -3.30
CA PRO A 39 -1.74 16.61 -1.87
C PRO A 39 -1.98 18.10 -1.60
N ALA A 40 -1.84 18.53 -0.34
CA ALA A 40 -2.15 19.94 -0.01
C ALA A 40 -1.00 20.86 -0.46
N ALA A 41 -1.36 21.97 -1.10
CA ALA A 41 -0.33 22.88 -1.60
C ALA A 41 0.56 23.40 -0.48
N GLU A 42 0.01 23.60 0.72
CA GLU A 42 0.84 24.11 1.82
C GLU A 42 1.97 23.16 2.16
N LEU A 43 1.74 21.85 2.09
CA LEU A 43 2.84 20.90 2.28
C LEU A 43 3.96 21.18 1.29
N LEU A 44 3.60 21.36 0.02
CA LEU A 44 4.56 21.57 -1.04
C LEU A 44 5.28 22.91 -0.93
N ALA A 45 4.79 23.83 -0.10
CA ALA A 45 5.45 25.10 0.14
C ALA A 45 6.17 25.14 1.48
N ALA A 46 5.96 24.15 2.35
CA ALA A 46 6.62 24.14 3.64
C ALA A 46 8.10 23.77 3.49
N GLY A 47 8.88 24.17 4.50
CA GLY A 47 10.29 23.83 4.51
C GLY A 47 10.49 22.32 4.56
N ALA A 48 11.63 21.89 4.00
CA ALA A 48 11.91 20.46 3.89
C ALA A 48 11.72 19.75 5.23
N LEU A 49 12.10 20.40 6.33
CA LEU A 49 11.90 19.84 7.66
C LEU A 49 11.18 20.89 8.52
N THR A 50 9.86 20.82 8.56
CA THR A 50 9.06 21.81 9.27
C THR A 50 8.94 21.43 10.75
N GLU A 51 9.09 22.43 11.61
CA GLU A 51 9.14 22.24 13.05
C GLU A 51 7.88 22.82 13.68
N VAL A 52 7.07 21.94 14.27
CA VAL A 52 5.87 22.33 15.03
C VAL A 52 6.15 22.06 16.51
N THR A 53 6.03 23.11 17.33
CA THR A 53 6.35 23.03 18.75
C THR A 53 5.14 23.50 19.56
N VAL A 54 4.68 22.65 20.49
CA VAL A 54 3.59 23.00 21.38
C VAL A 54 4.12 23.09 22.81
N GLY A 55 4.79 24.18 23.11
CA GLY A 55 5.35 24.38 24.43
C GLY A 55 6.37 25.51 24.41
N SER A 56 7.15 25.56 25.49
CA SER A 56 8.18 26.59 25.66
C SER A 56 9.56 25.95 25.84
N ALA A 60 7.52 21.16 25.89
CA ALA A 60 8.03 21.52 24.54
C ALA A 60 7.92 20.31 23.61
N VAL A 61 6.70 19.81 23.39
CA VAL A 61 6.51 18.70 22.43
C VAL A 61 6.80 19.23 21.03
N THR A 62 7.91 18.80 20.43
CA THR A 62 8.28 19.23 19.06
C THR A 62 8.06 18.07 18.09
N THR A 63 7.13 18.22 17.15
CA THR A 63 6.93 17.19 16.10
C THR A 63 7.42 17.78 14.78
N TRP A 64 8.16 17.01 14.00
CA TRP A 64 8.74 17.53 12.75
C TRP A 64 8.00 16.91 11.56
N MET A 65 8.01 17.60 10.43
CA MET A 65 7.40 17.07 9.21
C MET A 65 8.40 17.19 8.07
N ALA A 66 8.79 16.03 7.51
CA ALA A 66 9.70 15.98 6.38
C ALA A 66 8.87 16.06 5.10
N THR A 67 9.20 17.03 4.24
CA THR A 67 8.39 17.25 3.05
C THR A 67 9.17 17.11 1.75
N THR A 68 10.46 16.83 1.80
CA THR A 68 11.26 16.67 0.59
C THR A 68 11.77 15.24 0.47
N HIS A 69 12.09 14.88 -0.77
CA HIS A 69 12.59 13.54 -1.06
C HIS A 69 13.89 13.28 -0.31
N ALA A 70 14.75 14.29 -0.17
CA ALA A 70 16.05 14.07 0.47
C ALA A 70 15.90 13.88 1.98
N VAL A 71 15.11 14.72 2.64
CA VAL A 71 14.91 14.57 4.08
C VAL A 71 14.21 13.25 4.39
N VAL A 72 13.08 12.99 3.73
CA VAL A 72 12.37 11.73 3.93
C VAL A 72 13.32 10.54 3.81
N ARG A 73 14.27 10.59 2.88
CA ARG A 73 15.15 9.45 2.72
C ARG A 73 16.19 9.36 3.83
N GLN A 74 16.67 10.51 4.32
CA GLN A 74 17.63 10.44 5.41
C GLN A 74 16.97 9.96 6.69
N VAL A 75 15.70 10.30 6.90
CA VAL A 75 15.02 9.95 8.14
C VAL A 75 14.61 8.49 8.14
N MET A 76 14.02 8.02 7.04
CA MET A 76 13.65 6.63 6.97
C MET A 76 14.86 5.72 6.80
N GLY A 77 15.91 6.20 6.13
CA GLY A 77 17.10 5.41 5.93
C GLY A 77 18.02 5.28 7.12
N ASP A 78 17.75 5.97 8.23
CA ASP A 78 18.66 6.01 9.36
C ASP A 78 18.05 5.22 10.51
N HIS A 79 18.14 3.90 10.42
CA HIS A 79 17.65 3.05 11.49
C HIS A 79 18.60 3.00 12.69
N THR A 80 19.74 3.68 12.61
CA THR A 80 20.65 3.77 13.75
C THR A 80 20.35 4.94 14.65
N ARG A 81 19.56 5.91 14.20
CA ARG A 81 19.22 7.07 14.99
C ARG A 81 17.73 7.31 15.13
N PHE A 82 16.89 6.62 14.35
CA PHE A 82 15.45 6.79 14.39
C PHE A 82 14.77 5.46 14.66
N SER A 83 13.70 5.50 15.44
CA SER A 83 12.97 4.30 15.87
C SER A 83 11.52 4.37 15.42
N THR A 84 10.90 3.20 15.30
CA THR A 84 9.48 3.10 14.96
C THR A 84 8.65 2.48 16.08
N ARG A 85 9.23 2.30 17.27
CA ARG A 85 8.50 1.70 18.37
C ARG A 85 7.65 2.75 19.08
N ARG A 86 6.40 2.40 19.37
CA ARG A 86 5.47 3.29 20.05
C ARG A 86 5.82 3.43 21.53
N VAL A 106 3.65 -9.92 18.37
CA VAL A 106 4.05 -10.74 17.23
C VAL A 106 3.52 -10.14 15.94
N GLY A 107 4.39 -10.02 14.94
CA GLY A 107 4.00 -9.44 13.67
C GLY A 107 4.11 -7.93 13.67
N ASN A 108 3.52 -7.32 12.65
CA ASN A 108 3.59 -5.88 12.43
C ASN A 108 5.04 -5.37 12.49
N LEU A 109 5.81 -5.80 11.50
CA LEU A 109 7.21 -5.42 11.43
C LEU A 109 7.44 -3.93 11.52
N MET A 110 6.43 -3.12 11.19
CA MET A 110 6.61 -1.68 11.16
C MET A 110 6.89 -1.13 12.55
N ASP A 111 6.33 -1.75 13.58
CA ASP A 111 6.50 -1.29 14.95
C ASP A 111 7.78 -1.84 15.59
N TYR A 112 8.61 -2.54 14.83
CA TYR A 112 9.83 -3.15 15.36
C TYR A 112 11.06 -2.43 14.83
N ASP A 113 12.12 -2.41 15.66
CA ASP A 113 13.42 -1.88 15.28
C ASP A 113 14.44 -2.99 15.15
N PRO A 114 15.47 -2.81 14.33
CA PRO A 114 16.62 -3.72 14.37
C PRO A 114 17.17 -3.80 15.78
N PRO A 115 17.65 -4.98 16.21
CA PRO A 115 17.76 -6.24 15.47
C PRO A 115 16.49 -7.11 15.45
N GLU A 116 15.49 -6.80 16.27
CA GLU A 116 14.27 -7.61 16.27
C GLU A 116 13.55 -7.53 14.93
N HIS A 117 13.47 -6.33 14.35
CA HIS A 117 12.86 -6.22 13.02
C HIS A 117 13.64 -7.04 12.01
N THR A 118 14.97 -7.02 12.09
CA THR A 118 15.79 -7.73 11.12
C THR A 118 15.46 -9.22 11.11
N ARG A 119 15.39 -9.84 12.29
CA ARG A 119 15.14 -11.27 12.36
C ARG A 119 13.77 -11.61 11.79
N LEU A 120 12.74 -10.90 12.23
CA LEU A 120 11.40 -11.14 11.71
C LEU A 120 11.37 -10.99 10.20
N ARG A 121 11.77 -9.83 9.69
CA ARG A 121 11.69 -9.59 8.26
C ARG A 121 12.51 -10.62 7.48
N GLN A 122 13.60 -11.11 8.07
CA GLN A 122 14.43 -12.10 7.39
C GLN A 122 13.65 -13.35 7.04
N LYS A 123 12.75 -13.79 7.93
CA LYS A 123 12.04 -15.03 7.68
C LYS A 123 11.02 -14.87 6.56
N LEU A 124 10.36 -13.71 6.50
CA LEU A 124 9.28 -13.52 5.54
C LEU A 124 9.76 -12.95 4.20
N THR A 125 10.88 -12.23 4.20
CA THR A 125 11.37 -11.63 2.96
C THR A 125 11.68 -12.65 1.86
N PRO A 126 12.12 -13.88 2.15
CA PRO A 126 12.39 -14.82 1.04
C PRO A 126 11.17 -15.10 0.18
N GLY A 127 9.96 -14.88 0.69
CA GLY A 127 8.76 -15.19 -0.06
C GLY A 127 8.22 -14.05 -0.90
N PHE A 128 9.06 -13.05 -1.20
CA PHE A 128 8.63 -11.89 -1.96
C PHE A 128 9.58 -11.56 -3.12
N THR A 129 10.33 -12.54 -3.59
CA THR A 129 11.25 -12.28 -4.70
C THR A 129 10.48 -12.01 -5.99
N LEU A 130 11.21 -11.59 -7.03
CA LEU A 130 10.58 -11.25 -8.30
C LEU A 130 9.91 -12.48 -8.92
N ARG A 131 10.63 -13.60 -8.98
CA ARG A 131 10.05 -14.81 -9.55
C ARG A 131 8.87 -15.29 -8.71
N LYS A 132 9.00 -15.28 -7.38
CA LYS A 132 7.89 -15.70 -6.54
C LYS A 132 6.62 -14.90 -6.84
N MET A 133 6.78 -13.61 -7.16
CA MET A 133 5.61 -12.78 -7.49
C MET A 133 5.14 -13.02 -8.91
N GLN A 134 6.06 -13.20 -9.85
CA GLN A 134 5.65 -13.52 -11.22
C GLN A 134 4.84 -14.81 -11.27
N ARG A 135 5.09 -15.73 -10.35
CA ARG A 135 4.30 -16.96 -10.28
C ARG A 135 2.88 -16.67 -9.82
N LEU A 136 2.69 -15.64 -9.01
CA LEU A 136 1.35 -15.23 -8.60
C LEU A 136 0.60 -14.50 -9.70
N GLN A 137 1.25 -14.15 -10.80
CA GLN A 137 0.57 -13.38 -11.84
C GLN A 137 -0.62 -14.13 -12.41
N PRO A 138 -0.53 -15.42 -12.75
CA PRO A 138 -1.72 -16.12 -13.25
C PRO A 138 -2.90 -16.01 -12.31
N TYR A 139 -2.71 -16.31 -11.02
CA TYR A 139 -3.80 -16.18 -10.05
C TYR A 139 -4.34 -14.76 -10.04
N ILE A 140 -3.45 -13.76 -9.99
CA ILE A 140 -3.88 -12.36 -9.96
C ILE A 140 -4.77 -12.07 -11.17
N GLU A 141 -4.30 -12.46 -12.37
CA GLU A 141 -5.09 -12.24 -13.58
C GLU A 141 -6.48 -12.85 -13.45
N GLN A 142 -6.56 -14.10 -13.01
CA GLN A 142 -7.86 -14.75 -12.89
C GLN A 142 -8.73 -14.04 -11.84
N ILE A 143 -8.16 -13.71 -10.69
CA ILE A 143 -8.93 -13.03 -9.65
C ILE A 143 -9.54 -11.76 -10.20
N VAL A 144 -8.78 -11.02 -11.01
CA VAL A 144 -9.29 -9.77 -11.56
C VAL A 144 -10.29 -10.04 -12.69
N SER A 145 -10.01 -11.03 -13.53
CA SER A 145 -10.93 -11.36 -14.62
C SER A 145 -12.31 -11.72 -14.09
N GLU A 146 -12.39 -12.38 -12.93
CA GLU A 146 -13.68 -12.68 -12.35
C GLU A 146 -14.46 -11.41 -12.05
N ARG A 147 -13.82 -10.43 -11.43
CA ARG A 147 -14.54 -9.20 -11.10
C ARG A 147 -14.79 -8.35 -12.32
N LEU A 148 -13.92 -8.48 -13.32
CA LEU A 148 -14.19 -7.83 -14.60
C LEU A 148 -15.35 -8.50 -15.32
N ASP A 149 -15.54 -9.81 -15.12
CA ASP A 149 -16.76 -10.45 -15.60
C ASP A 149 -17.98 -9.98 -14.84
N ALA A 150 -17.80 -9.73 -13.53
CA ALA A 150 -18.92 -9.20 -12.72
C ALA A 150 -19.27 -7.80 -13.23
N MET A 151 -18.29 -7.13 -13.84
CA MET A 151 -18.55 -5.75 -14.30
C MET A 151 -19.58 -5.78 -15.42
N GLU A 152 -19.42 -6.71 -16.36
CA GLU A 152 -20.39 -6.84 -17.48
C GLU A 152 -21.75 -7.16 -16.90
N GLN A 153 -21.81 -7.94 -15.82
CA GLN A 153 -23.10 -8.38 -15.24
C GLN A 153 -23.86 -7.20 -14.64
N ALA A 154 -23.14 -6.14 -14.27
CA ALA A 154 -23.82 -5.01 -13.60
C ALA A 154 -24.29 -4.02 -14.66
N GLY A 155 -23.77 -4.11 -15.88
CA GLY A 155 -24.14 -3.17 -16.96
C GLY A 155 -23.29 -1.92 -16.92
N SER A 156 -23.84 -0.78 -17.37
CA SER A 156 -23.04 0.47 -17.43
C SER A 156 -22.89 1.13 -16.06
N PRO A 157 -23.92 1.70 -15.39
CA PRO A 157 -23.71 2.39 -14.10
C PRO A 157 -23.17 1.35 -13.11
N ALA A 158 -21.99 1.60 -12.51
CA ALA A 158 -21.37 0.56 -11.66
C ALA A 158 -20.34 1.12 -10.68
N ASP A 159 -20.49 0.77 -9.40
CA ASP A 159 -19.48 1.18 -8.37
C ASP A 159 -18.26 0.28 -8.55
N LEU A 160 -17.29 0.70 -9.38
CA LEU A 160 -16.03 -0.07 -9.54
C LEU A 160 -15.45 -0.34 -8.16
N ILE A 161 -15.55 0.63 -7.25
CA ILE A 161 -15.03 0.48 -5.87
C ILE A 161 -15.64 -0.75 -5.20
N GLU A 162 -16.97 -0.79 -5.01
CA GLU A 162 -17.64 -1.87 -4.32
C GLU A 162 -17.48 -3.20 -5.05
N LEU A 163 -17.48 -3.16 -6.39
CA LEU A 163 -17.36 -4.40 -7.15
C LEU A 163 -15.91 -4.89 -7.21
N VAL A 164 -15.00 -4.09 -7.78
CA VAL A 164 -13.62 -4.59 -8.02
C VAL A 164 -12.60 -4.06 -7.01
N ALA A 165 -12.49 -2.74 -6.89
CA ALA A 165 -11.43 -2.17 -6.03
C ALA A 165 -11.44 -2.78 -4.64
N ASN A 166 -12.61 -3.08 -4.08
CA ASN A 166 -12.66 -3.58 -2.72
C ASN A 166 -12.74 -5.10 -2.65
N GLU A 167 -12.28 -5.78 -3.71
CA GLU A 167 -12.37 -7.23 -3.75
C GLU A 167 -11.04 -7.85 -4.14
N VAL A 168 -10.46 -7.34 -5.24
CA VAL A 168 -9.21 -7.85 -5.79
C VAL A 168 -8.13 -7.91 -4.70
N PRO A 169 -7.97 -6.87 -3.86
CA PRO A 169 -6.87 -6.89 -2.88
C PRO A 169 -6.89 -8.13 -2.00
N GLY A 170 -7.98 -8.34 -1.26
CA GLY A 170 -8.00 -9.47 -0.33
C GLY A 170 -7.81 -10.80 -1.03
N ALA A 171 -8.38 -10.95 -2.23
CA ALA A 171 -8.25 -12.19 -2.97
C ALA A 171 -6.78 -12.52 -3.23
N VAL A 172 -6.08 -11.59 -3.88
CA VAL A 172 -4.65 -11.84 -4.23
C VAL A 172 -3.87 -12.11 -2.94
N LEU A 173 -4.18 -11.36 -1.88
CA LEU A 173 -3.44 -11.50 -0.59
C LEU A 173 -3.70 -12.88 -0.02
N CYS A 174 -4.96 -13.30 0.01
CA CYS A 174 -5.33 -14.63 0.53
C CYS A 174 -4.53 -15.69 -0.20
N GLU A 175 -4.46 -15.60 -1.53
CA GLU A 175 -3.68 -16.57 -2.34
C GLU A 175 -2.22 -16.58 -1.88
N LEU A 176 -1.61 -15.41 -1.70
CA LEU A 176 -0.22 -15.33 -1.29
C LEU A 176 0.02 -16.03 0.03
N ILE A 177 -0.88 -15.82 0.98
CA ILE A 177 -0.73 -16.44 2.32
C ILE A 177 -0.90 -17.96 2.16
N GLY A 178 -1.83 -18.37 1.31
CA GLY A 178 -2.10 -19.81 1.10
C GLY A 178 -3.49 -20.20 1.53
N VAL A 179 -4.42 -19.23 1.55
CA VAL A 179 -5.82 -19.50 2.01
C VAL A 179 -6.59 -20.15 0.86
N PRO A 180 -7.20 -21.34 1.08
CA PRO A 180 -7.99 -22.01 0.06
C PRO A 180 -9.14 -21.16 -0.48
N ARG A 181 -9.40 -21.23 -1.78
CA ARG A 181 -10.43 -20.38 -2.41
C ARG A 181 -11.80 -20.64 -1.80
N ASP A 182 -12.07 -21.87 -1.37
CA ASP A 182 -13.35 -22.18 -0.70
C ASP A 182 -13.48 -21.30 0.54
N ASP A 183 -12.61 -21.51 1.52
CA ASP A 183 -12.67 -20.74 2.79
C ASP A 183 -11.87 -19.44 2.63
N ARG A 184 -12.47 -18.41 2.03
CA ARG A 184 -11.71 -17.16 1.78
C ARG A 184 -12.54 -15.95 2.22
N SER A 185 -13.71 -15.75 1.62
CA SER A 185 -14.61 -14.65 2.06
C SER A 185 -14.70 -14.67 3.58
N MET A 186 -14.85 -15.85 4.18
CA MET A 186 -15.01 -15.96 5.65
C MET A 186 -13.80 -15.29 6.30
N PHE A 187 -12.60 -15.72 5.91
CA PHE A 187 -11.35 -15.13 6.45
C PHE A 187 -11.44 -13.61 6.33
N MET A 188 -11.71 -13.13 5.12
CA MET A 188 -11.78 -11.67 4.87
C MET A 188 -12.84 -11.04 5.76
N GLN A 189 -14.00 -11.68 5.88
CA GLN A 189 -15.11 -11.12 6.67
C GLN A 189 -14.70 -11.08 8.14
N LEU A 190 -14.08 -12.15 8.62
CA LEU A 190 -13.59 -12.19 10.02
C LEU A 190 -12.58 -11.05 10.22
N SMC A 191 -11.74 -10.77 9.21
CA SMC A 191 -10.79 -9.65 9.31
CB SMC A 191 -9.97 -9.56 8.04
SG SMC A 191 -8.89 -8.12 7.88
CS SMC A 191 -8.93 -7.86 6.12
C SMC A 191 -11.60 -8.36 9.47
O SMC A 191 -11.36 -7.64 10.45
N HIS A 192 -12.55 -8.13 8.58
CA HIS A 192 -13.35 -6.87 8.62
C HIS A 192 -14.18 -6.81 9.89
N ALA A 193 -14.26 -7.94 10.60
CA ALA A 193 -15.06 -8.00 11.83
C ALA A 193 -14.23 -7.47 13.01
N HIS A 194 -12.98 -7.94 13.11
CA HIS A 194 -12.12 -7.51 14.26
C HIS A 194 -11.89 -6.01 14.16
N LEU A 195 -12.18 -5.44 12.99
CA LEU A 195 -12.05 -3.97 12.83
C LEU A 195 -13.03 -3.27 13.78
N ASP A 196 -13.92 -4.02 14.44
CA ASP A 196 -14.96 -3.41 15.30
C ASP A 196 -15.56 -2.20 14.58
N PRO A 197 -16.30 -2.40 13.47
CA PRO A 197 -16.82 -1.28 12.68
C PRO A 197 -17.68 -0.34 13.53
C LYS A 202 -18.42 -2.68 16.99
N ARG A 203 -17.67 -3.38 17.84
CA ARG A 203 -17.89 -3.39 19.32
C ARG A 203 -16.74 -4.13 20.00
N ARG A 204 -16.84 -4.32 21.32
CA ARG A 204 -15.81 -5.13 22.03
C ARG A 204 -16.17 -6.60 21.82
N ALA A 205 -17.28 -6.86 21.12
CA ALA A 205 -17.73 -8.25 20.85
C ALA A 205 -17.06 -8.78 19.58
N ALA A 206 -16.27 -7.94 18.90
CA ALA A 206 -15.53 -8.37 17.68
C ALA A 206 -14.74 -9.64 18.02
N ALA A 207 -15.08 -10.77 17.39
CA ALA A 207 -14.42 -12.04 17.74
C ALA A 207 -13.34 -12.38 16.72
N GLY A 208 -12.15 -11.77 16.85
CA GLY A 208 -11.04 -12.12 15.96
C GLY A 208 -10.36 -13.38 16.42
N GLU A 209 -10.88 -14.01 17.48
CA GLU A 209 -10.33 -15.31 17.94
C GLU A 209 -10.67 -16.34 16.87
N ALA A 210 -11.73 -16.08 16.10
CA ALA A 210 -12.11 -16.97 14.99
C ALA A 210 -11.02 -16.89 13.95
N PHE A 211 -10.61 -15.67 13.59
CA PHE A 211 -9.52 -15.47 12.62
C PHE A 211 -8.29 -16.17 13.20
N SER A 212 -8.05 -15.95 14.49
CA SER A 212 -6.87 -16.53 15.15
C SER A 212 -6.81 -18.05 14.95
N ARG A 213 -7.89 -18.76 15.24
CA ARG A 213 -7.83 -20.25 15.20
C ARG A 213 -7.99 -20.76 13.77
N TYR A 214 -8.65 -20.01 12.88
CA TYR A 214 -8.71 -20.47 11.47
C TYR A 214 -7.28 -20.44 10.96
N LEU A 215 -6.56 -19.37 11.29
CA LEU A 215 -5.18 -19.21 10.78
C LEU A 215 -4.25 -20.15 11.56
N LEU A 216 -4.59 -20.49 12.80
CA LEU A 216 -3.76 -21.43 13.57
C LEU A 216 -3.93 -22.82 12.96
N ALA A 217 -5.13 -23.11 12.46
CA ALA A 217 -5.38 -24.40 11.81
C ALA A 217 -4.63 -24.45 10.49
N MET A 218 -4.69 -23.36 9.73
CA MET A 218 -4.00 -23.29 8.41
C MET A 218 -2.51 -23.47 8.66
N ILE A 219 -2.00 -22.81 9.69
CA ILE A 219 -0.55 -22.88 9.99
C ILE A 219 -0.19 -24.33 10.33
N ALA A 220 -0.90 -24.95 11.27
CA ALA A 220 -0.53 -26.31 11.72
C ALA A 220 -0.74 -27.33 10.61
N ARG A 221 -1.66 -27.05 9.68
CA ARG A 221 -1.87 -27.96 8.55
C ARG A 221 -0.65 -27.86 7.63
N GLU A 222 -0.18 -26.64 7.37
CA GLU A 222 0.98 -26.43 6.47
C GLU A 222 2.25 -26.82 7.21
N ARG A 223 2.17 -26.90 8.54
CA ARG A 223 3.35 -27.35 9.32
C ARG A 223 3.54 -28.83 8.99
N LYS A 224 2.45 -29.60 9.05
CA LYS A 224 2.54 -31.07 8.79
C LYS A 224 2.53 -31.29 7.29
N GLU A 225 2.19 -30.26 6.52
CA GLU A 225 2.10 -30.39 5.04
C GLU A 225 2.58 -29.09 4.40
N PRO A 226 3.89 -28.80 4.39
CA PRO A 226 4.42 -27.60 3.73
C PRO A 226 4.00 -27.56 2.25
N GLY A 227 3.29 -26.51 1.86
CA GLY A 227 2.86 -26.35 0.46
C GLY A 227 3.00 -24.91 -0.02
N GLU A 228 2.36 -24.58 -1.15
CA GLU A 228 2.47 -23.23 -1.74
C GLU A 228 1.89 -22.19 -0.78
N GLY A 229 2.55 -21.03 -0.65
CA GLY A 229 2.08 -20.00 0.29
C GLY A 229 3.20 -19.50 1.18
N LEU A 230 3.01 -18.32 1.77
CA LEU A 230 4.03 -17.71 2.65
C LEU A 230 4.06 -18.50 3.96
N ILE A 231 2.91 -18.90 4.46
CA ILE A 231 2.89 -19.58 5.77
C ILE A 231 3.63 -20.91 5.62
N GLY A 232 3.45 -21.55 4.47
CA GLY A 232 4.12 -22.85 4.23
C GLY A 232 5.60 -22.70 3.98
N ALA A 233 6.01 -21.63 3.30
CA ALA A 233 7.43 -21.41 2.96
C ALA A 233 8.22 -21.13 4.23
N VAL A 234 7.65 -20.31 5.11
CA VAL A 234 8.30 -20.01 6.39
C VAL A 234 8.47 -21.28 7.20
N VAL A 235 7.44 -22.13 7.22
CA VAL A 235 7.51 -23.36 8.00
C VAL A 235 8.53 -24.32 7.39
N ALA A 236 8.70 -24.31 6.06
CA ALA A 236 9.63 -25.24 5.42
C ALA A 236 11.05 -25.04 5.91
N GLU A 237 11.47 -23.79 6.08
CA GLU A 237 12.85 -23.47 6.43
C GLU A 237 13.05 -23.22 7.92
N TYR A 238 11.97 -22.94 8.67
CA TYR A 238 12.09 -22.65 10.09
C TYR A 238 11.30 -23.58 10.99
N GLY A 239 10.25 -24.22 10.49
CA GLY A 239 9.45 -25.14 11.28
C GLY A 239 9.06 -24.63 12.66
N ASP A 240 9.55 -25.29 13.72
CA ASP A 240 9.11 -24.95 15.06
C ASP A 240 9.62 -23.58 15.49
N GLU A 241 10.78 -23.18 14.96
CA GLU A 241 11.38 -21.93 15.39
C GLU A 241 10.44 -20.77 15.12
N ALA A 242 9.70 -20.87 14.01
CA ALA A 242 8.69 -19.83 13.68
C ALA A 242 7.48 -20.02 14.57
N THR A 243 7.34 -19.19 15.61
CA THR A 243 6.22 -19.32 16.56
C THR A 243 4.88 -19.21 15.84
N ASP A 244 3.85 -19.85 16.39
CA ASP A 244 2.50 -19.75 15.79
C ASP A 244 2.07 -18.29 15.83
N GLU A 245 2.32 -17.62 16.96
CA GLU A 245 1.94 -16.20 17.10
C GLU A 245 2.66 -15.38 16.03
N GLU A 246 3.92 -15.70 15.73
CA GLU A 246 4.69 -14.92 14.74
C GLU A 246 4.03 -15.09 13.39
N LEU A 247 3.85 -16.33 12.94
CA LEU A 247 3.25 -16.58 11.60
C LEU A 247 1.86 -15.96 11.55
N ARG A 248 1.17 -15.90 12.68
CA ARG A 248 -0.17 -15.27 12.74
C ARG A 248 -0.03 -13.76 12.53
N GLY A 249 0.81 -13.11 13.33
CA GLY A 249 0.97 -11.65 13.22
C GLY A 249 1.40 -11.26 11.84
N PHE A 250 2.20 -12.10 11.18
CA PHE A 250 2.61 -11.81 9.81
C PHE A 250 1.41 -11.87 8.86
N CYS A 251 0.54 -12.85 9.04
CA CYS A 251 -0.68 -12.93 8.23
C CYS A 251 -1.53 -11.67 8.39
N VAL A 252 -1.77 -11.28 9.64
CA VAL A 252 -2.52 -10.04 9.90
C VAL A 252 -1.85 -8.89 9.16
N GLN A 253 -0.54 -8.76 9.32
CA GLN A 253 0.18 -7.61 8.74
C GLN A 253 -0.01 -7.57 7.23
N VAL A 254 0.22 -8.66 6.53
CA VAL A 254 0.19 -8.65 5.04
C VAL A 254 -1.19 -8.23 4.55
N MET A 255 -2.24 -8.62 5.25
CA MET A 255 -3.62 -8.35 4.78
C MET A 255 -3.97 -6.89 5.04
N LEU A 256 -3.46 -6.33 6.13
CA LEU A 256 -3.80 -4.93 6.49
C LEU A 256 -2.98 -3.95 5.66
N ALA A 257 -1.89 -4.40 5.02
CA ALA A 257 -1.02 -3.49 4.29
C ALA A 257 -1.28 -3.51 2.80
N GLY A 258 -1.76 -4.63 2.28
CA GLY A 258 -1.92 -4.81 0.86
C GLY A 258 -3.36 -4.65 0.41
N ASP A 259 -4.18 -4.05 1.27
CA ASP A 259 -5.60 -3.91 1.02
C ASP A 259 -5.95 -2.48 0.64
N ASP A 260 -6.10 -1.62 1.66
CA ASP A 260 -6.48 -0.23 1.41
C ASP A 260 -5.50 0.47 0.47
N ASN A 261 -4.23 0.09 0.48
CA ASN A 261 -3.27 0.67 -0.46
C ASN A 261 -3.65 0.30 -1.90
N ILE A 262 -3.63 -1.00 -2.23
CA ILE A 262 -3.96 -1.42 -3.59
C ILE A 262 -5.33 -0.89 -3.96
N SER A 263 -6.34 -1.18 -3.14
CA SER A 263 -7.68 -0.70 -3.43
C SER A 263 -7.71 0.81 -3.69
N GLY A 264 -7.02 1.58 -2.85
CA GLY A 264 -6.92 3.00 -3.10
C GLY A 264 -6.34 3.32 -4.47
N MET A 265 -5.32 2.56 -4.88
CA MET A 265 -4.68 2.77 -6.17
C MET A 265 -5.56 2.28 -7.32
N ILE A 266 -6.41 1.28 -7.08
CA ILE A 266 -7.25 0.74 -8.14
C ILE A 266 -8.28 1.78 -8.58
N GLY A 267 -8.86 2.50 -7.63
CA GLY A 267 -9.88 3.48 -7.94
C GLY A 267 -9.30 4.82 -8.35
N LEU A 268 -8.40 5.36 -7.52
CA LEU A 268 -7.80 6.65 -7.83
C LEU A 268 -7.04 6.59 -9.16
N GLY A 269 -6.45 5.44 -9.48
CA GLY A 269 -5.76 5.31 -10.75
C GLY A 269 -6.70 5.44 -11.93
N VAL A 270 -7.83 4.73 -11.87
CA VAL A 270 -8.81 4.79 -12.95
C VAL A 270 -9.35 6.21 -13.11
N LEU A 271 -9.68 6.85 -11.98
CA LEU A 271 -10.17 8.23 -12.03
C LEU A 271 -9.18 9.13 -12.76
N ALA A 272 -7.90 9.03 -12.40
CA ALA A 272 -6.88 9.87 -13.05
C ALA A 272 -6.73 9.50 -14.52
N LEU A 273 -6.52 8.22 -14.80
CA LEU A 273 -6.37 7.77 -16.19
C LEU A 273 -7.57 8.17 -17.04
N LEU A 274 -8.78 8.23 -16.45
CA LEU A 274 -9.99 8.69 -17.12
C LEU A 274 -10.11 10.20 -17.23
N LYS A 275 -9.69 10.94 -16.20
CA LYS A 275 -9.67 12.40 -16.34
C LYS A 275 -8.56 12.87 -17.27
N HIS A 276 -7.56 12.03 -17.53
CA HIS A 276 -6.45 12.37 -18.42
C HIS A 276 -6.31 11.27 -19.45
N PRO A 277 -7.16 11.27 -20.48
CA PRO A 277 -7.23 10.11 -21.37
C PRO A 277 -5.99 9.84 -22.19
N ASP A 278 -5.04 10.79 -22.28
CA ASP A 278 -3.81 10.53 -23.03
C ASP A 278 -2.92 9.52 -22.32
N GLN A 279 -3.33 9.06 -21.14
CA GLN A 279 -2.46 8.19 -20.32
C GLN A 279 -2.88 6.73 -20.39
N ILE A 280 -4.03 6.45 -21.00
CA ILE A 280 -4.54 5.05 -21.08
C ILE A 280 -3.67 4.27 -22.05
N GLU A 281 -3.07 4.96 -23.02
CA GLU A 281 -2.27 4.31 -24.07
C GLU A 281 -1.16 3.43 -23.48
N ALA A 282 -0.59 3.82 -22.33
CA ALA A 282 0.52 3.06 -21.78
C ALA A 282 0.13 1.62 -21.48
N PHE A 283 -1.15 1.38 -21.19
CA PHE A 283 -1.65 0.07 -20.86
C PHE A 283 -2.23 -0.66 -22.06
N ARG A 284 -2.05 -0.12 -23.27
CA ARG A 284 -2.49 -0.76 -24.50
C ARG A 284 -1.31 -1.18 -25.37
N GLY A 285 -0.18 -1.51 -24.74
CA GLY A 285 1.02 -1.84 -25.47
C GLY A 285 1.98 -2.67 -24.66
N ASP A 286 3.29 -2.39 -24.80
CA ASP A 286 4.30 -3.17 -24.11
C ASP A 286 4.03 -3.21 -22.61
N GLU A 287 4.40 -4.32 -21.98
CA GLU A 287 4.36 -4.38 -20.52
C GLU A 287 5.33 -3.37 -19.91
N GLN A 288 6.46 -3.13 -20.58
CA GLN A 288 7.39 -2.09 -20.12
C GLN A 288 6.72 -0.74 -20.11
N SER A 289 5.94 -0.45 -21.15
CA SER A 289 5.23 0.84 -21.22
C SER A 289 4.24 0.91 -20.08
N ALA A 290 3.75 -0.24 -19.65
CA ALA A 290 2.74 -0.29 -18.58
C ALA A 290 3.44 -0.20 -17.22
N GLN A 291 4.58 -0.87 -17.06
CA GLN A 291 5.35 -0.79 -15.80
C GLN A 291 5.64 0.68 -15.49
N ARG A 292 6.09 1.44 -16.48
CA ARG A 292 6.47 2.85 -16.25
C ARG A 292 5.23 3.59 -15.79
N ALA A 293 4.07 3.14 -16.20
CA ALA A 293 2.82 3.86 -15.90
C ALA A 293 2.34 3.57 -14.49
N VAL A 294 2.49 2.34 -14.04
CA VAL A 294 2.09 2.00 -12.64
C VAL A 294 2.97 2.82 -11.71
N ASP A 295 4.27 2.89 -12.00
CA ASP A 295 5.21 3.61 -11.11
C ASP A 295 4.89 5.10 -11.16
N GLU A 296 4.53 5.62 -12.33
CA GLU A 296 4.12 7.01 -12.41
C GLU A 296 2.87 7.26 -11.58
N LEU A 297 1.89 6.35 -11.67
CA LEU A 297 0.67 6.53 -10.91
C LEU A 297 0.92 6.43 -9.41
N ILE A 298 1.79 5.51 -8.99
CA ILE A 298 2.10 5.39 -7.58
C ILE A 298 2.74 6.67 -7.07
N ARG A 299 3.72 7.19 -7.81
CA ARG A 299 4.33 8.46 -7.42
C ARG A 299 3.30 9.58 -7.36
N TYR A 300 2.52 9.75 -8.43
CA TYR A 300 1.62 10.90 -8.50
C TYR A 300 0.52 10.81 -7.46
N LEU A 301 0.00 9.61 -7.22
CA LEU A 301 -1.11 9.46 -6.30
C LEU A 301 -0.69 9.17 -4.86
N THR A 302 0.54 8.68 -4.66
CA THR A 302 1.06 8.34 -3.33
C THR A 302 -0.07 8.14 -2.35
N VAL A 303 -0.69 6.94 -2.37
CA VAL A 303 -1.88 6.72 -1.54
C VAL A 303 -1.56 6.80 -0.07
N PRO A 304 -0.48 6.22 0.45
CA PRO A 304 -0.14 6.37 1.87
C PRO A 304 0.20 7.83 2.19
N TYR A 305 -0.49 8.38 3.19
CA TYR A 305 -0.24 9.78 3.56
C TYR A 305 1.14 9.93 4.18
N ALA A 306 1.54 8.98 5.00
CA ALA A 306 2.79 9.02 5.75
C ALA A 306 3.10 7.62 6.23
N PRO A 307 4.35 7.32 6.52
CA PRO A 307 4.70 6.03 7.10
C PRO A 307 4.62 6.10 8.61
N THR A 308 5.06 5.03 9.28
CA THR A 308 5.06 5.05 10.74
C THR A 308 5.93 6.20 11.24
N PRO A 309 5.47 6.94 12.24
CA PRO A 309 6.30 8.03 12.77
C PRO A 309 7.65 7.52 13.24
N ARG A 310 8.68 8.30 12.98
CA ARG A 310 10.06 7.96 13.34
C ARG A 310 10.47 8.81 14.53
N ILE A 311 10.81 8.16 15.66
CA ILE A 311 11.24 8.85 16.87
C ILE A 311 12.76 8.83 16.92
N ALA A 312 13.35 10.01 17.09
CA ALA A 312 14.81 10.12 17.15
C ALA A 312 15.35 9.48 18.42
N LYS A 313 16.28 8.54 18.27
CA LYS A 313 16.94 7.94 19.42
C LYS A 313 18.09 8.77 19.95
N GLU A 314 18.48 9.83 19.23
CA GLU A 314 19.52 10.76 19.66
C GLU A 314 19.32 12.06 18.90
N ASP A 315 20.19 13.03 19.16
CA ASP A 315 20.11 14.34 18.51
C ASP A 315 20.67 14.23 17.11
N VAL A 316 19.79 14.20 16.11
CA VAL A 316 20.16 14.05 14.71
C VAL A 316 20.18 15.42 14.06
N THR A 317 21.28 15.77 13.42
CA THR A 317 21.38 17.00 12.66
C THR A 317 20.94 16.72 11.24
N ILE A 318 19.83 17.34 10.82
CA ILE A 318 19.36 17.24 9.45
C ILE A 318 19.51 18.59 8.79
N GLY A 319 20.61 18.77 8.05
CA GLY A 319 20.85 20.06 7.43
C GLY A 319 21.15 21.10 8.49
N ASP A 320 20.49 22.26 8.37
CA ASP A 320 20.69 23.32 9.34
C ASP A 320 19.89 23.11 10.63
N GLN A 321 19.04 22.10 10.67
CA GLN A 321 18.19 21.84 11.84
C GLN A 321 18.70 20.63 12.59
N VAL A 322 18.18 20.46 13.81
CA VAL A 322 18.54 19.35 14.68
C VAL A 322 17.27 18.79 15.29
N VAL A 323 16.96 17.54 14.97
CA VAL A 323 15.86 16.83 15.63
C VAL A 323 16.39 16.26 16.93
N LYS A 324 15.78 16.66 18.04
CA LYS A 324 16.26 16.30 19.38
C LYS A 324 15.71 14.93 19.79
N LYS A 325 16.44 14.29 20.70
CA LYS A 325 16.02 12.97 21.18
C LYS A 325 14.59 13.03 21.69
N GLY A 326 13.77 12.08 21.24
CA GLY A 326 12.38 12.01 21.61
C GLY A 326 11.44 12.71 20.65
N GLU A 327 11.91 13.77 19.98
CA GLU A 327 11.06 14.47 19.02
C GLU A 327 10.79 13.57 17.81
N SER A 328 9.54 13.52 17.40
CA SER A 328 9.15 12.65 16.29
C SER A 328 9.13 13.39 14.96
N VAL A 329 9.22 12.61 13.89
CA VAL A 329 9.24 13.12 12.52
C VAL A 329 8.19 12.41 11.70
N ILE A 330 7.25 13.17 11.15
CA ILE A 330 6.30 12.61 10.19
C ILE A 330 6.83 12.86 8.79
N CYS A 331 6.85 11.82 7.97
CA CYS A 331 7.37 11.90 6.61
C CYS A 331 6.19 11.94 5.65
N SER A 332 6.01 13.07 4.97
CA SER A 332 4.92 13.21 4.02
C SER A 332 5.35 12.63 2.68
N LEU A 333 5.10 11.34 2.50
CA LEU A 333 5.42 10.70 1.23
C LEU A 333 4.79 11.41 0.05
N PRO A 334 3.50 11.77 0.06
CA PRO A 334 2.93 12.45 -1.12
C PRO A 334 3.67 13.73 -1.47
N ALA A 335 4.05 14.53 -0.48
CA ALA A 335 4.80 15.75 -0.76
C ALA A 335 6.18 15.41 -1.32
N ALA A 336 6.88 14.46 -0.69
CA ALA A 336 8.21 14.07 -1.15
C ALA A 336 8.18 13.57 -2.59
N ASN A 337 7.14 12.84 -2.97
CA ASN A 337 7.04 12.34 -4.34
C ASN A 337 6.62 13.42 -5.33
N ARG A 338 6.24 14.60 -4.83
CA ARG A 338 6.00 15.78 -5.65
C ARG A 338 7.19 16.75 -5.62
N ASP A 339 8.41 16.23 -5.44
CA ASP A 339 9.61 17.04 -5.27
C ASP A 339 10.26 17.31 -6.62
N PRO A 340 10.52 18.58 -6.98
CA PRO A 340 11.18 18.85 -8.27
C PRO A 340 12.58 18.25 -8.37
N ALA A 341 13.25 18.00 -7.24
CA ALA A 341 14.53 17.33 -7.25
C ALA A 341 14.42 15.85 -7.62
N LEU A 342 13.27 15.21 -7.36
CA LEU A 342 13.04 13.83 -7.77
C LEU A 342 12.77 13.78 -9.26
N VAL A 343 11.86 14.56 -9.76
CA VAL A 343 11.45 14.48 -11.17
C VAL A 343 11.05 15.86 -11.70
N PRO A 344 11.31 16.19 -12.96
CA PRO A 344 10.90 17.50 -13.50
C PRO A 344 9.40 17.56 -13.72
N ASP A 345 8.84 18.75 -13.51
CA ASP A 345 7.41 18.96 -13.65
C ASP A 345 6.66 17.95 -12.78
N PRO A 346 6.93 17.94 -11.46
CA PRO A 346 6.38 16.86 -10.61
C PRO A 346 4.89 16.91 -10.43
N GLU A 347 4.24 18.04 -10.74
CA GLU A 347 2.79 18.14 -10.60
C GLU A 347 2.04 17.43 -11.72
N ARG A 348 2.73 17.04 -12.78
CA ARG A 348 2.11 16.44 -13.96
C ARG A 348 2.00 14.92 -13.79
N LEU A 349 0.93 14.37 -14.37
CA LEU A 349 0.81 12.92 -14.50
C LEU A 349 1.22 12.60 -15.93
N ASP A 350 2.39 11.98 -16.09
CA ASP A 350 2.88 11.57 -17.40
C ASP A 350 3.41 10.15 -17.28
N VAL A 351 2.65 9.19 -17.79
CA VAL A 351 3.08 7.79 -17.73
C VAL A 351 4.31 7.54 -18.59
N THR A 352 4.59 8.41 -19.57
CA THR A 352 5.79 8.27 -20.39
C THR A 352 7.06 8.40 -19.56
N ARG A 353 6.96 8.99 -18.37
CA ARG A 353 8.13 9.20 -17.53
C ARG A 353 8.92 7.93 -17.25
N GLU A 354 10.25 8.05 -17.28
CA GLU A 354 11.09 6.95 -16.84
C GLU A 354 10.99 6.83 -15.32
N SER A 355 10.94 5.57 -14.88
CA SER A 355 10.77 5.27 -13.44
C SER A 355 11.82 5.95 -12.59
N VAL A 356 11.45 6.30 -11.37
CA VAL A 356 12.38 7.05 -10.49
C VAL A 356 12.29 6.44 -9.09
N SER A 357 13.19 6.85 -8.21
CA SER A 357 13.24 6.28 -6.84
C SER A 357 12.30 7.04 -5.92
N HIS A 358 10.99 6.91 -6.14
CA HIS A 358 9.98 7.56 -5.28
C HIS A 358 9.97 6.88 -3.91
N VAL A 359 9.33 7.51 -2.93
CA VAL A 359 9.33 6.97 -1.54
C VAL A 359 7.92 6.51 -1.16
N ALA A 360 7.12 6.15 -2.15
CA ALA A 360 5.73 5.71 -1.89
C ALA A 360 5.73 4.32 -1.27
N PHE A 361 6.78 3.54 -1.52
CA PHE A 361 6.91 2.19 -0.95
C PHE A 361 7.87 2.25 0.24
N GLY A 362 8.37 3.45 0.56
CA GLY A 362 9.22 3.59 1.75
C GLY A 362 10.67 3.82 1.45
N HIS A 363 11.54 3.46 2.39
CA HIS A 363 13.00 3.59 2.18
C HIS A 363 13.67 2.96 3.39
N GLY A 364 14.66 2.10 3.15
CA GLY A 364 15.42 1.53 4.27
C GLY A 364 15.02 0.12 4.65
N VAL A 365 15.04 -0.16 5.95
CA VAL A 365 14.77 -1.54 6.45
C VAL A 365 13.28 -1.84 6.35
N HIS A 366 12.45 -0.83 6.31
CA HIS A 366 10.99 -1.09 6.31
C HIS A 366 10.44 -0.89 4.90
N HIS A 367 11.28 -1.01 3.90
CA HIS A 367 10.79 -0.91 2.51
C HIS A 367 9.66 -1.91 2.29
N CYS A 368 8.64 -1.54 1.55
CA CYS A 368 7.46 -2.38 1.35
C CYS A 368 7.84 -3.77 0.90
N LEU A 369 7.44 -4.78 1.67
CA LEU A 369 7.73 -6.16 1.28
C LEU A 369 6.91 -6.59 0.08
N GLY A 370 5.83 -5.89 -0.25
CA GLY A 370 5.00 -6.26 -1.37
C GLY A 370 4.96 -5.25 -2.49
N ALA A 371 6.03 -4.44 -2.62
CA ALA A 371 6.07 -3.45 -3.68
C ALA A 371 5.99 -4.11 -5.05
N ALA A 372 6.71 -5.21 -5.24
CA ALA A 372 6.64 -5.93 -6.51
C ALA A 372 5.24 -6.44 -6.77
N LEU A 373 4.59 -6.94 -5.73
CA LEU A 373 3.23 -7.49 -5.89
C LEU A 373 2.28 -6.33 -6.20
N ALA A 374 2.48 -5.18 -5.61
CA ALA A 374 1.53 -4.07 -5.81
C ALA A 374 1.64 -3.61 -7.25
N ARG A 375 2.85 -3.61 -7.79
CA ARG A 375 3.07 -3.13 -9.17
C ARG A 375 2.48 -4.16 -10.14
N LEU A 376 2.58 -5.45 -9.82
CA LEU A 376 2.03 -6.50 -10.70
C LEU A 376 0.54 -6.58 -10.47
N GLU A 377 0.10 -6.48 -9.22
CA GLU A 377 -1.33 -6.51 -8.91
C GLU A 377 -2.06 -5.25 -9.35
N LEU A 378 -1.37 -4.26 -9.89
CA LEU A 378 -2.01 -3.06 -10.43
C LEU A 378 -1.83 -2.93 -11.93
N ARG A 379 -0.69 -3.38 -12.45
CA ARG A 379 -0.45 -3.36 -13.88
C ARG A 379 -1.49 -4.23 -14.61
N THR A 380 -1.61 -5.50 -14.19
CA THR A 380 -2.54 -6.40 -14.86
C THR A 380 -3.96 -5.84 -14.88
N PHE A 381 -4.42 -5.29 -13.75
CA PHE A 381 -5.79 -4.78 -13.67
C PHE A 381 -6.03 -3.69 -14.69
N TYR A 382 -5.24 -2.61 -14.62
CA TYR A 382 -5.36 -1.53 -15.59
C TYR A 382 -5.34 -2.08 -17.01
N THR A 383 -4.39 -2.98 -17.30
CA THR A 383 -4.28 -3.53 -18.65
C THR A 383 -5.54 -4.29 -19.03
N MET A 384 -6.11 -5.06 -18.10
CA MET A 384 -7.32 -5.81 -18.41
C MET A 384 -8.56 -4.93 -18.39
N LEU A 385 -8.62 -3.97 -17.47
CA LEU A 385 -9.77 -3.07 -17.42
C LEU A 385 -9.96 -2.36 -18.75
N TRP A 386 -8.88 -1.90 -19.36
CA TRP A 386 -8.92 -1.25 -20.66
C TRP A 386 -8.88 -2.25 -21.82
N ARG A 387 -9.07 -3.53 -21.52
CA ARG A 387 -9.27 -4.55 -22.55
C ARG A 387 -10.69 -5.07 -22.55
N ARG A 388 -11.23 -5.40 -21.38
CA ARG A 388 -12.62 -5.85 -21.30
C ARG A 388 -13.58 -4.71 -21.56
N PHE A 389 -13.32 -3.54 -20.95
CA PHE A 389 -14.17 -2.36 -21.09
C PHE A 389 -13.34 -1.23 -21.71
N PRO A 390 -13.02 -1.32 -23.00
CA PRO A 390 -12.20 -0.29 -23.63
C PRO A 390 -12.97 0.99 -23.96
N THR A 391 -14.12 1.17 -23.31
CA THR A 391 -14.96 2.34 -23.54
C THR A 391 -15.39 2.98 -22.23
N LEU A 392 -14.70 2.63 -21.14
CA LEU A 392 -15.08 3.09 -19.82
C LEU A 392 -14.96 4.61 -19.73
N ALA A 393 -15.91 5.21 -19.02
CA ALA A 393 -15.88 6.65 -18.73
C ALA A 393 -16.54 6.87 -17.38
N LEU A 394 -16.67 8.14 -17.02
CA LEU A 394 -17.26 8.52 -15.73
C LEU A 394 -18.77 8.62 -15.91
N ALA A 395 -19.51 7.74 -15.23
CA ALA A 395 -20.97 7.82 -15.26
C ALA A 395 -21.43 9.23 -14.92
N ASP A 396 -20.86 9.80 -13.86
CA ASP A 396 -21.14 11.18 -13.51
C ASP A 396 -19.91 12.01 -13.81
N PRO A 397 -19.79 12.60 -15.02
CA PRO A 397 -18.63 13.47 -15.30
C PRO A 397 -18.64 14.73 -14.46
N GLY A 398 -19.68 14.89 -13.64
CA GLY A 398 -19.78 16.02 -12.73
C GLY A 398 -20.03 15.65 -11.29
N GLN A 399 -19.45 14.53 -10.86
CA GLN A 399 -19.54 14.10 -9.47
C GLN A 399 -18.42 14.70 -8.65
N GLU A 400 -18.60 14.70 -7.34
CA GLU A 400 -17.59 15.20 -6.41
C GLU A 400 -16.53 14.15 -6.08
N ASN A 401 -16.50 13.04 -6.81
CA ASN A 401 -15.54 11.96 -6.57
C ASN A 401 -15.38 11.57 -5.11
N ASN A 402 -16.45 11.10 -4.48
CA ASN A 402 -16.40 10.74 -3.06
C ASN A 402 -15.13 10.00 -2.70
N PHE A 403 -14.37 10.58 -1.78
CA PHE A 403 -13.05 10.09 -1.41
C PHE A 403 -13.06 9.40 -0.05
N ARG A 404 -12.08 8.53 0.15
CA ARG A 404 -11.88 7.86 1.43
C ARG A 404 -11.03 8.75 2.31
N LEU A 405 -11.65 9.38 3.32
CA LEU A 405 -10.94 10.26 4.22
C LEU A 405 -10.66 9.64 5.59
N THR A 406 -11.15 8.43 5.84
CA THR A 406 -10.97 7.78 7.13
C THR A 406 -9.85 6.75 7.12
N THR A 407 -9.51 6.28 5.93
CA THR A 407 -8.46 5.25 5.81
C THR A 407 -7.07 5.90 5.89
N PRO A 408 -6.04 5.19 6.39
CA PRO A 408 -4.68 5.72 6.42
C PRO A 408 -4.11 5.77 5.00
N ALA A 409 -4.90 5.37 4.02
CA ALA A 409 -4.48 5.38 2.62
C ALA A 409 -5.58 6.08 1.81
N TYR A 410 -5.22 6.94 0.87
CA TYR A 410 -6.22 7.71 0.10
C TYR A 410 -6.96 6.77 -0.85
N GLY A 411 -8.21 7.11 -1.16
CA GLY A 411 -8.92 6.29 -2.14
C GLY A 411 -10.26 6.88 -2.49
N LEU A 412 -11.03 6.16 -3.30
CA LEU A 412 -12.40 6.60 -3.64
C LEU A 412 -13.37 5.69 -2.92
N THR A 413 -14.22 6.24 -2.06
CA THR A 413 -15.28 5.46 -1.42
C THR A 413 -16.35 5.01 -2.42
N SER A 414 -16.51 5.73 -3.52
CA SER A 414 -17.45 5.32 -4.57
C SER A 414 -16.95 5.87 -5.91
N LEU A 415 -17.19 5.12 -6.98
CA LEU A 415 -16.79 5.55 -8.32
C LEU A 415 -17.66 4.82 -9.33
N MET A 416 -18.41 5.57 -10.13
CA MET A 416 -19.39 5.02 -11.06
C MET A 416 -18.84 5.12 -12.49
N VAL A 417 -18.67 3.98 -13.14
CA VAL A 417 -18.14 3.93 -14.50
C VAL A 417 -19.29 3.73 -15.48
N GLU A 418 -18.97 3.70 -16.78
CA GLU A 418 -19.97 3.54 -17.85
C GLU A 418 -19.41 2.54 -18.86
N TRP A 419 -19.78 1.26 -18.71
CA TRP A 419 -19.31 0.21 -19.60
C TRP A 419 -19.81 0.45 -21.03
CHA HEM B . 5.55 -1.31 4.39
CHB HEM B . 3.29 -5.22 2.75
CHC HEM B . 1.22 -2.54 -0.73
CHD HEM B . 3.42 1.35 0.99
C1A HEM B . 5.10 -2.59 4.22
C2A HEM B . 5.42 -3.66 5.08
C3A HEM B . 4.79 -4.75 4.62
C4A HEM B . 4.07 -4.37 3.48
CMA HEM B . 4.83 -6.13 5.21
CAA HEM B . 6.30 -3.58 6.29
CBA HEM B . 7.76 -3.77 5.93
CGA HEM B . 8.55 -3.81 7.20
O1A HEM B . 9.48 -4.61 7.33
O2A HEM B . 8.27 -3.05 8.15
C1B HEM B . 2.53 -4.80 1.65
C2B HEM B . 1.77 -5.71 0.86
C3B HEM B . 1.18 -4.97 -0.14
C4B HEM B . 1.62 -3.58 0.10
CMB HEM B . 1.64 -7.20 1.09
CAB HEM B . 0.27 -5.36 -1.24
CBB HEM B . -0.19 -6.57 -1.50
C1C HEM B . 1.64 -1.24 -0.57
C2C HEM B . 1.29 -0.18 -1.41
C3C HEM B . 1.92 0.95 -0.93
C4C HEM B . 2.65 0.53 0.22
CMC HEM B . 0.38 -0.29 -2.61
CAC HEM B . 1.92 2.35 -1.43
CBC HEM B . 1.34 2.80 -2.54
C1D HEM B . 4.18 0.89 2.05
C2D HEM B . 5.04 1.81 2.79
C3D HEM B . 5.63 1.08 3.74
C4D HEM B . 5.13 -0.28 3.57
CMD HEM B . 5.24 3.30 2.56
CAD HEM B . 6.62 1.57 4.75
CBD HEM B . 5.91 2.06 5.99
CGD HEM B . 6.94 2.40 7.04
O1D HEM B . 8.14 2.51 6.75
O2D HEM B . 6.58 2.59 8.21
NA HEM B . 4.25 -3.05 3.25
NB HEM B . 2.42 -3.56 1.18
NC HEM B . 2.46 -0.80 0.42
ND HEM B . 4.26 -0.34 2.55
FE HEM B . 3.36 -1.86 1.96
#